data_2W0F
#
_entry.id   2W0F
#
_cell.length_a   155.760
_cell.length_b   155.760
_cell.length_c   75.889
_cell.angle_alpha   90.00
_cell.angle_beta   90.00
_cell.angle_gamma   90.00
#
_symmetry.space_group_name_H-M   'I 4'
#
loop_
_entity.id
_entity.type
_entity.pdbx_description
1 polymer 'ANTIBODY FAB FRAGMENT LIGHT CHAIN'
2 polymer 'ANTIBODY FAB FRAGMENT HEAVY CHAIN'
3 polymer 'VOLTAGE-GATED POTASSIUM CHANNEL'
4 non-polymer 'COBALT (II) ION'
5 non-polymer NONAN-1-OL
6 non-polymer 'DIACYL GLYCEROL'
7 non-polymer N,N,N-trioctyloctan-1-aminium
8 non-polymer 'POTASSIUM ION'
9 water water
#
loop_
_entity_poly.entity_id
_entity_poly.type
_entity_poly.pdbx_seq_one_letter_code
_entity_poly.pdbx_strand_id
1 'polypeptide(L)'
;QVQLQQPGAELVKPGASVKLSCKASGYTFTSDWIHWVKQRPGHGLEWIGEIIPSYGRANYNEKIQKKATLTADKSSSTAF
MQLSSLTSEDSAVYYCARERGDGYFAVWGAGTTVTVSSAKTTPPSVYPLAPGSAAQTNSMVTLGCLVKGYFPEPVTVTWN
SGSLSSGVHTFPAVLQSDLYTLSSSVTVPSSSWPSETVTCNVAHPASSTKVDKKIVPRD
;
A
2 'polypeptide(L)'
;DILLTQSPAILSVSPGERVSFSCRASQSIGTDIHWYQQRTNGSPRLLIKYASESISGIPSRFSGSGSGTDFTLSINSVES
EDIANYYCQQSNRWPFTFGSGTKLEIKRADAAPTVSIFPPSSEQLTSGGASVVCFLNNFYPKDINVKWKIDGSERQNGVL
NSWTDQDSKDSTYSMSSTLTLTKDEYERHNSYTCEATHKTSTSPIVKSFNRN
;
B
3 'polypeptide(L)'
;MPPMLSGLLARLVKLLLGRHGSALHWRAAGAATVLLVIVLLAGSYLAVLAERGAPGAQLITYPRALWWSVETATTVGYGD
LYPVTLWGRCVAVVVMVAGITSFGLVTAALATWFVGREQERRGH
;
C
#
# COMPACT_ATOMS: atom_id res chain seq x y z
N GLN A 1 -17.38 4.06 -0.63
CA GLN A 1 -17.16 2.86 -1.48
C GLN A 1 -15.66 2.67 -1.83
N VAL A 2 -15.28 1.51 -2.36
CA VAL A 2 -13.91 1.25 -2.81
C VAL A 2 -13.57 2.05 -4.08
N GLN A 3 -12.59 2.96 -3.96
CA GLN A 3 -12.27 3.88 -5.05
C GLN A 3 -11.51 3.27 -6.23
N LEU A 4 -10.58 2.33 -5.97
CA LEU A 4 -9.81 1.70 -7.06
C LEU A 4 -9.80 0.18 -6.96
N GLN A 5 -10.25 -0.47 -8.03
CA GLN A 5 -10.46 -1.93 -8.05
C GLN A 5 -9.40 -2.63 -8.84
N GLN A 6 -8.65 -3.53 -8.22
CA GLN A 6 -7.69 -4.36 -8.96
C GLN A 6 -7.95 -5.85 -8.69
N PRO A 7 -7.70 -6.71 -9.69
CA PRO A 7 -7.64 -8.16 -9.48
C PRO A 7 -6.69 -8.55 -8.35
N GLY A 8 -7.02 -9.61 -7.63
CA GLY A 8 -6.19 -10.12 -6.56
C GLY A 8 -4.89 -10.74 -7.05
N ALA A 9 -4.98 -11.48 -8.15
CA ALA A 9 -3.82 -12.24 -8.60
C ALA A 9 -3.72 -12.38 -10.10
N GLU A 10 -2.49 -12.59 -10.56
CA GLU A 10 -2.17 -12.87 -11.94
C GLU A 10 -0.95 -13.78 -11.96
N LEU A 11 -1.10 -14.95 -12.57
CA LEU A 11 0.01 -15.88 -12.76
C LEU A 11 0.49 -15.77 -14.20
N VAL A 12 1.80 -15.72 -14.35
CA VAL A 12 2.44 -15.41 -15.62
C VAL A 12 3.65 -16.33 -15.75
N LYS A 13 3.89 -16.84 -16.96
CA LYS A 13 5.02 -17.73 -17.21
C LYS A 13 6.23 -16.90 -17.53
N PRO A 14 7.45 -17.38 -17.18
CA PRO A 14 8.66 -16.64 -17.54
C PRO A 14 8.67 -16.34 -19.03
N GLY A 15 8.96 -15.08 -19.39
CA GLY A 15 8.94 -14.64 -20.79
C GLY A 15 7.59 -14.14 -21.28
N ALA A 16 6.52 -14.49 -20.57
CA ALA A 16 5.17 -14.08 -20.97
C ALA A 16 4.83 -12.65 -20.54
N SER A 17 3.63 -12.20 -20.89
N SER A 17 3.65 -12.19 -20.93
CA SER A 17 3.17 -10.81 -20.72
CA SER A 17 3.19 -10.86 -20.60
C SER A 17 1.75 -10.72 -20.13
C SER A 17 1.89 -10.91 -19.82
N VAL A 18 1.54 -9.80 -19.19
CA VAL A 18 0.25 -9.63 -18.51
C VAL A 18 -0.19 -8.17 -18.49
N LYS A 19 -1.49 -7.94 -18.57
CA LYS A 19 -2.03 -6.62 -18.61
C LYS A 19 -2.89 -6.42 -17.36
N LEU A 20 -2.43 -5.59 -16.44
CA LEU A 20 -3.12 -5.37 -15.17
C LEU A 20 -4.14 -4.24 -15.31
N SER A 21 -5.17 -4.26 -14.47
CA SER A 21 -6.21 -3.25 -14.56
C SER A 21 -6.53 -2.60 -13.23
N CYS A 22 -7.05 -1.39 -13.30
CA CYS A 22 -7.32 -0.59 -12.14
C CYS A 22 -8.55 0.22 -12.50
N LYS A 23 -9.71 -0.25 -12.06
CA LYS A 23 -10.99 0.43 -12.27
C LYS A 23 -11.22 1.45 -11.18
N ALA A 24 -11.57 2.67 -11.60
CA ALA A 24 -11.74 3.79 -10.70
C ALA A 24 -13.20 4.14 -10.52
N SER A 25 -13.50 4.77 -9.39
CA SER A 25 -14.83 5.32 -9.08
C SER A 25 -14.66 6.47 -8.06
N GLY A 26 -15.75 7.03 -7.57
CA GLY A 26 -15.66 8.23 -6.74
C GLY A 26 -15.54 9.48 -7.60
N TYR A 27 -15.09 10.58 -7.00
CA TYR A 27 -14.86 11.84 -7.72
C TYR A 27 -13.76 11.66 -8.76
N THR A 28 -14.06 12.03 -10.01
CA THR A 28 -13.05 12.01 -11.07
C THR A 28 -12.88 13.40 -11.71
N PHE A 29 -11.63 13.81 -11.90
CA PHE A 29 -11.35 15.07 -12.58
C PHE A 29 -10.39 14.80 -13.73
N THR A 30 -10.46 15.62 -14.78
CA THR A 30 -9.60 15.49 -15.97
C THR A 30 -8.13 15.76 -15.64
N SER A 31 -7.91 16.24 -14.41
CA SER A 31 -6.59 16.53 -13.90
C SER A 31 -6.01 15.41 -13.02
N ASP A 32 -6.68 14.26 -12.94
CA ASP A 32 -6.24 13.14 -12.10
C ASP A 32 -5.16 12.31 -12.77
N TRP A 33 -4.17 11.86 -11.99
CA TRP A 33 -3.21 10.86 -12.48
C TRP A 33 -3.35 9.51 -11.77
N ILE A 34 -3.17 8.42 -12.52
CA ILE A 34 -3.05 7.10 -11.96
C ILE A 34 -1.59 6.67 -11.99
N HIS A 35 -1.09 6.27 -10.81
CA HIS A 35 0.28 5.84 -10.63
C HIS A 35 0.31 4.34 -10.38
N TRP A 36 1.42 3.70 -10.76
CA TRP A 36 1.64 2.30 -10.46
C TRP A 36 2.89 2.18 -9.59
N VAL A 37 2.79 1.33 -8.57
CA VAL A 37 3.82 1.17 -7.57
C VAL A 37 4.05 -0.31 -7.37
N LYS A 38 5.32 -0.74 -7.34
CA LYS A 38 5.71 -2.14 -7.18
C LYS A 38 6.31 -2.40 -5.80
N GLN A 39 5.87 -3.47 -5.15
CA GLN A 39 6.41 -3.95 -3.90
C GLN A 39 6.76 -5.45 -3.99
N ARG A 40 8.06 -5.76 -3.95
CA ARG A 40 8.55 -7.14 -3.85
C ARG A 40 8.40 -7.58 -2.39
N PRO A 41 8.00 -8.86 -2.15
CA PRO A 41 7.74 -9.34 -0.78
C PRO A 41 8.87 -9.04 0.19
N GLY A 42 8.51 -8.46 1.33
CA GLY A 42 9.51 -8.03 2.34
C GLY A 42 10.24 -6.73 2.04
N HIS A 43 9.92 -6.09 0.91
CA HIS A 43 10.63 -4.89 0.46
C HIS A 43 9.76 -3.62 0.40
N GLY A 44 10.35 -2.54 -0.10
CA GLY A 44 9.71 -1.23 -0.06
C GLY A 44 8.84 -0.96 -1.27
N LEU A 45 8.32 0.26 -1.33
CA LEU A 45 7.53 0.72 -2.46
C LEU A 45 8.44 1.34 -3.53
N GLU A 46 8.11 1.06 -4.79
CA GLU A 46 8.89 1.50 -5.92
C GLU A 46 8.00 2.08 -7.02
N TRP A 47 8.25 3.33 -7.38
CA TRP A 47 7.39 4.00 -8.33
C TRP A 47 7.69 3.48 -9.74
N ILE A 48 6.65 3.12 -10.48
CA ILE A 48 6.85 2.57 -11.82
C ILE A 48 6.59 3.62 -12.88
N GLY A 49 5.44 4.28 -12.79
CA GLY A 49 5.04 5.26 -13.78
C GLY A 49 3.70 5.85 -13.45
N GLU A 50 3.26 6.79 -14.27
CA GLU A 50 2.03 7.53 -14.05
C GLU A 50 1.33 7.72 -15.39
N ILE A 51 0.03 7.92 -15.38
CA ILE A 51 -0.69 8.30 -16.60
C ILE A 51 -1.76 9.34 -16.31
N ILE A 52 -1.92 10.29 -17.22
CA ILE A 52 -3.06 11.19 -17.19
C ILE A 52 -4.11 10.63 -18.18
N PRO A 53 -5.13 9.93 -17.66
CA PRO A 53 -6.04 9.14 -18.52
C PRO A 53 -6.81 10.01 -19.52
N SER A 54 -7.22 11.19 -19.06
CA SER A 54 -7.94 12.16 -19.88
C SER A 54 -7.00 12.93 -20.81
N TYR A 55 -5.92 12.29 -21.23
CA TYR A 55 -4.97 12.88 -22.18
C TYR A 55 -3.99 11.82 -22.71
N GLY A 56 -3.98 10.63 -22.09
CA GLY A 56 -3.21 9.49 -22.60
C GLY A 56 -1.70 9.54 -22.41
N ARG A 57 -1.19 10.67 -21.91
CA ARG A 57 0.24 10.88 -21.69
C ARG A 57 0.73 10.10 -20.47
N ALA A 58 1.81 9.32 -20.66
CA ALA A 58 2.38 8.50 -19.60
C ALA A 58 3.87 8.74 -19.42
N ASN A 59 4.33 8.67 -18.17
CA ASN A 59 5.73 8.87 -17.82
C ASN A 59 6.20 7.70 -16.94
N TYR A 60 7.46 7.31 -17.14
CA TYR A 60 8.01 6.10 -16.51
C TYR A 60 9.26 6.38 -15.69
N ASN A 61 9.43 5.59 -14.62
CA ASN A 61 10.68 5.55 -13.84
C ASN A 61 11.83 5.13 -14.74
N GLU A 62 12.63 6.08 -15.17
CA GLU A 62 13.73 5.81 -16.11
C GLU A 62 14.98 5.21 -15.44
N LYS A 63 14.92 5.01 -14.13
CA LYS A 63 16.03 4.51 -13.33
C LYS A 63 15.99 2.98 -13.22
N ILE A 64 14.89 2.38 -13.65
CA ILE A 64 14.75 0.91 -13.65
C ILE A 64 14.51 0.41 -15.07
N GLN A 65 14.66 -0.91 -15.26
CA GLN A 65 14.41 -1.54 -16.54
C GLN A 65 12.95 -1.37 -16.93
N LYS A 66 12.69 -0.84 -18.12
CA LYS A 66 11.31 -0.58 -18.56
C LYS A 66 10.52 -1.84 -18.98
N LYS A 67 9.76 -2.37 -18.03
CA LYS A 67 8.86 -3.50 -18.24
C LYS A 67 7.41 -3.07 -18.48
N ALA A 68 7.09 -1.82 -18.14
CA ALA A 68 5.68 -1.40 -18.14
C ALA A 68 5.32 -0.51 -19.32
N THR A 69 4.04 -0.55 -19.69
CA THR A 69 3.43 0.33 -20.66
C THR A 69 2.05 0.68 -20.10
N LEU A 70 1.74 1.96 -20.02
CA LEU A 70 0.50 2.39 -19.39
C LEU A 70 -0.45 2.91 -20.42
N THR A 71 -1.72 2.56 -20.24
CA THR A 71 -2.80 2.96 -21.12
C THR A 71 -4.04 3.21 -20.26
N ALA A 72 -5.06 3.86 -20.83
CA ALA A 72 -6.33 4.05 -20.12
C ALA A 72 -7.55 4.00 -21.05
N ASP A 73 -8.67 3.54 -20.50
CA ASP A 73 -9.97 3.62 -21.14
C ASP A 73 -10.78 4.68 -20.40
N LYS A 74 -11.05 5.80 -21.07
CA LYS A 74 -11.77 6.91 -20.47
C LYS A 74 -13.28 6.65 -20.28
N SER A 75 -13.85 5.73 -21.06
CA SER A 75 -15.29 5.44 -20.96
C SER A 75 -15.64 4.46 -19.83
N SER A 76 -14.79 3.46 -19.61
CA SER A 76 -14.92 2.56 -18.47
C SER A 76 -14.08 2.99 -17.25
N SER A 77 -13.40 4.14 -17.39
CA SER A 77 -12.39 4.65 -16.45
C SER A 77 -11.52 3.58 -15.77
N THR A 78 -10.84 2.83 -16.62
CA THR A 78 -9.89 1.81 -16.21
C THR A 78 -8.48 2.22 -16.64
N ALA A 79 -7.51 2.00 -15.75
CA ALA A 79 -6.12 2.20 -16.08
C ALA A 79 -5.50 0.83 -16.29
N PHE A 80 -4.63 0.73 -17.29
CA PHE A 80 -3.99 -0.53 -17.62
C PHE A 80 -2.49 -0.39 -17.54
N MET A 81 -1.85 -1.42 -16.99
CA MET A 81 -0.42 -1.53 -17.07
C MET A 81 -0.07 -2.83 -17.78
N GLN A 82 0.50 -2.70 -18.98
CA GLN A 82 0.98 -3.82 -19.72
C GLN A 82 2.39 -4.13 -19.25
N LEU A 83 2.55 -5.24 -18.55
CA LEU A 83 3.88 -5.75 -18.20
C LEU A 83 4.28 -6.83 -19.21
N SER A 84 5.52 -6.77 -19.70
CA SER A 84 5.94 -7.69 -20.77
C SER A 84 7.33 -8.29 -20.58
N SER A 85 7.49 -9.53 -21.05
CA SER A 85 8.76 -10.30 -20.96
C SER A 85 9.28 -10.48 -19.52
N LEU A 86 8.38 -10.95 -18.66
CA LEU A 86 8.63 -10.95 -17.23
C LEU A 86 9.53 -12.10 -16.80
N THR A 87 10.45 -11.81 -15.88
CA THR A 87 11.22 -12.84 -15.19
C THR A 87 10.74 -12.86 -13.73
N SER A 88 11.41 -13.60 -12.86
CA SER A 88 10.98 -13.73 -11.46
C SER A 88 11.32 -12.50 -10.61
N GLU A 89 12.21 -11.65 -11.12
CA GLU A 89 12.47 -10.35 -10.50
C GLU A 89 11.20 -9.49 -10.54
N ASP A 90 10.33 -9.80 -11.49
CA ASP A 90 9.08 -9.07 -11.69
C ASP A 90 7.91 -9.60 -10.87
N SER A 91 8.16 -10.57 -10.00
CA SER A 91 7.14 -11.07 -9.09
C SER A 91 7.01 -10.15 -7.89
N ALA A 92 5.79 -9.70 -7.63
CA ALA A 92 5.54 -8.65 -6.65
C ALA A 92 4.04 -8.32 -6.62
N VAL A 93 3.64 -7.56 -5.61
CA VAL A 93 2.34 -6.88 -5.60
C VAL A 93 2.50 -5.54 -6.31
N TYR A 94 1.66 -5.31 -7.33
CA TYR A 94 1.57 -4.05 -8.03
C TYR A 94 0.31 -3.31 -7.63
N TYR A 95 0.49 -2.14 -6.99
CA TYR A 95 -0.62 -1.25 -6.63
C TYR A 95 -0.85 -0.19 -7.68
N CYS A 96 -2.10 0.24 -7.83
CA CYS A 96 -2.38 1.47 -8.52
C CYS A 96 -2.85 2.48 -7.46
N ALA A 97 -2.62 3.76 -7.70
CA ALA A 97 -3.00 4.80 -6.78
C ALA A 97 -3.48 6.02 -7.56
N ARG A 98 -4.31 6.85 -6.91
CA ARG A 98 -4.84 8.04 -7.57
C ARG A 98 -4.23 9.28 -7.00
N GLU A 99 -3.80 10.17 -7.88
CA GLU A 99 -3.23 11.48 -7.48
C GLU A 99 -3.98 12.65 -8.15
N ARG A 100 -4.41 13.61 -7.34
CA ARG A 100 -5.19 14.75 -7.82
C ARG A 100 -4.30 15.87 -8.38
N GLY A 101 -3.14 15.50 -8.94
CA GLY A 101 -2.16 16.46 -9.44
C GLY A 101 -1.60 17.39 -8.38
N ASP A 102 -1.60 16.93 -7.13
CA ASP A 102 -1.10 17.70 -6.00
C ASP A 102 -0.02 16.93 -5.20
N GLY A 103 0.45 15.81 -5.73
CA GLY A 103 1.68 15.21 -5.26
C GLY A 103 1.60 14.04 -4.31
N TYR A 104 0.41 13.75 -3.78
CA TYR A 104 0.29 12.64 -2.83
C TYR A 104 -0.75 11.65 -3.30
N PHE A 105 -0.63 10.42 -2.84
CA PHE A 105 -1.54 9.38 -3.25
C PHE A 105 -2.63 9.21 -2.22
N ALA A 106 -3.74 9.86 -2.49
CA ALA A 106 -4.88 9.85 -1.59
C ALA A 106 -5.50 8.44 -1.46
N VAL A 107 -5.73 7.76 -2.58
CA VAL A 107 -6.30 6.42 -2.53
C VAL A 107 -5.49 5.41 -3.34
N TRP A 108 -5.45 4.17 -2.83
CA TRP A 108 -4.72 3.06 -3.41
C TRP A 108 -5.69 1.91 -3.64
N GLY A 109 -5.41 1.10 -4.65
CA GLY A 109 -6.06 -0.19 -4.82
C GLY A 109 -5.49 -1.21 -3.84
N ALA A 110 -6.09 -2.40 -3.83
CA ALA A 110 -5.69 -3.42 -2.87
C ALA A 110 -4.45 -4.17 -3.35
N GLY A 111 -4.14 -4.01 -4.63
CA GLY A 111 -2.94 -4.60 -5.20
C GLY A 111 -3.26 -5.86 -5.96
N THR A 112 -2.48 -6.12 -7.01
CA THR A 112 -2.47 -7.38 -7.74
C THR A 112 -1.16 -8.10 -7.47
N THR A 113 -1.27 -9.30 -6.89
CA THR A 113 -0.13 -10.18 -6.72
C THR A 113 0.17 -10.88 -8.04
N VAL A 114 1.30 -10.52 -8.63
CA VAL A 114 1.79 -11.15 -9.83
C VAL A 114 2.89 -12.13 -9.43
N THR A 115 2.70 -13.40 -9.80
CA THR A 115 3.68 -14.45 -9.61
C THR A 115 4.17 -14.88 -11.00
N VAL A 116 5.48 -14.91 -11.18
CA VAL A 116 6.07 -15.35 -12.43
C VAL A 116 6.74 -16.73 -12.22
N SER A 117 6.11 -17.75 -12.80
CA SER A 117 6.58 -19.14 -12.68
C SER A 117 5.91 -20.05 -13.73
N SER A 118 6.59 -21.16 -14.03
CA SER A 118 6.07 -22.17 -14.97
C SER A 118 5.05 -23.12 -14.31
N ALA A 119 5.13 -23.26 -12.98
CA ALA A 119 4.17 -24.05 -12.18
C ALA A 119 2.70 -23.63 -12.42
N LYS A 120 1.76 -24.43 -11.93
CA LYS A 120 0.37 -24.36 -12.37
C LYS A 120 -0.64 -24.01 -11.29
N THR A 121 -1.69 -23.30 -11.70
CA THR A 121 -2.77 -22.88 -10.80
C THR A 121 -3.48 -24.08 -10.13
N THR A 122 -3.53 -24.06 -8.80
CA THR A 122 -4.17 -25.10 -8.01
C THR A 122 -5.03 -24.46 -6.93
N PRO A 123 -6.35 -24.74 -6.92
CA PRO A 123 -7.16 -24.28 -5.81
C PRO A 123 -6.73 -24.96 -4.51
N PRO A 124 -7.02 -24.34 -3.35
CA PRO A 124 -6.60 -24.96 -2.11
C PRO A 124 -7.55 -26.05 -1.59
N SER A 125 -7.03 -27.00 -0.83
CA SER A 125 -7.88 -27.88 -0.02
C SER A 125 -8.01 -27.29 1.40
N VAL A 126 -9.25 -27.07 1.82
CA VAL A 126 -9.53 -26.55 3.16
C VAL A 126 -10.05 -27.63 4.10
N TYR A 127 -9.29 -27.88 5.17
CA TYR A 127 -9.65 -28.88 6.19
C TYR A 127 -9.86 -28.23 7.56
N PRO A 128 -10.88 -28.69 8.31
CA PRO A 128 -11.14 -28.07 9.62
C PRO A 128 -10.10 -28.45 10.67
N LEU A 129 -10.01 -27.63 11.71
CA LEU A 129 -9.16 -27.92 12.84
C LEU A 129 -9.94 -27.69 14.12
N ALA A 130 -10.63 -28.73 14.58
CA ALA A 130 -11.32 -28.73 15.87
C ALA A 130 -10.45 -29.50 16.87
N PRO A 131 -10.60 -29.21 18.18
CA PRO A 131 -9.81 -29.89 19.20
C PRO A 131 -10.13 -31.39 19.29
N GLY A 132 -9.17 -32.18 19.79
CA GLY A 132 -9.39 -33.60 20.05
C GLY A 132 -10.28 -33.79 21.28
N SER A 133 -10.76 -35.03 21.45
CA SER A 133 -11.71 -35.36 22.52
C SER A 133 -11.11 -35.21 23.93
N ALA A 134 -9.79 -35.31 24.01
CA ALA A 134 -9.08 -35.26 25.29
C ALA A 134 -8.81 -33.86 25.79
N ALA A 135 -8.84 -32.87 24.89
CA ALA A 135 -8.40 -31.50 25.21
C ALA A 135 -9.33 -30.79 26.20
N GLN A 136 -8.77 -30.35 27.32
CA GLN A 136 -9.51 -29.57 28.32
C GLN A 136 -9.57 -28.09 27.93
N THR A 137 -10.30 -27.28 28.69
CA THR A 137 -10.49 -25.85 28.34
C THR A 137 -10.74 -24.84 29.48
N ASN A 138 -10.52 -23.56 29.16
CA ASN A 138 -10.76 -22.43 30.08
C ASN A 138 -11.99 -21.61 29.69
N SER A 139 -11.84 -20.28 29.62
CA SER A 139 -12.92 -19.40 29.21
C SER A 139 -12.97 -19.23 27.68
N MET A 140 -12.02 -19.85 26.99
CA MET A 140 -11.81 -19.59 25.57
C MET A 140 -11.45 -20.87 24.80
N VAL A 141 -11.87 -20.95 23.53
CA VAL A 141 -11.57 -22.09 22.68
C VAL A 141 -10.89 -21.65 21.36
N THR A 142 -9.84 -22.37 20.98
CA THR A 142 -9.12 -22.09 19.74
C THR A 142 -9.52 -23.08 18.66
N LEU A 143 -9.89 -22.53 17.51
CA LEU A 143 -10.27 -23.33 16.35
C LEU A 143 -9.39 -22.86 15.21
N GLY A 144 -9.44 -23.55 14.07
CA GLY A 144 -8.69 -23.11 12.91
C GLY A 144 -9.12 -23.84 11.66
N CYS A 145 -8.46 -23.54 10.54
CA CYS A 145 -8.59 -24.37 9.35
C CYS A 145 -7.31 -24.35 8.51
N LEU A 146 -7.13 -25.41 7.72
CA LEU A 146 -5.89 -25.70 7.05
C LEU A 146 -5.96 -25.55 5.55
N VAL A 147 -5.41 -24.45 5.05
CA VAL A 147 -5.44 -24.18 3.62
C VAL A 147 -4.17 -24.74 2.97
N LYS A 148 -4.34 -25.81 2.17
CA LYS A 148 -3.23 -26.62 1.70
C LYS A 148 -3.19 -26.84 0.18
N GLY A 149 -1.97 -26.89 -0.36
CA GLY A 149 -1.73 -27.19 -1.77
C GLY A 149 -2.34 -26.22 -2.77
N TYR A 150 -2.12 -24.92 -2.58
CA TYR A 150 -2.58 -23.95 -3.58
C TYR A 150 -1.44 -23.29 -4.34
N PHE A 151 -1.76 -22.77 -5.52
CA PHE A 151 -0.82 -21.97 -6.30
C PHE A 151 -1.57 -21.06 -7.26
N PRO A 152 -1.11 -19.81 -7.44
CA PRO A 152 -0.10 -19.12 -6.64
C PRO A 152 -0.70 -18.44 -5.41
N GLU A 153 0.08 -17.58 -4.76
CA GLU A 153 -0.43 -16.67 -3.73
C GLU A 153 -1.26 -15.57 -4.41
N PRO A 154 -2.11 -14.85 -3.65
CA PRO A 154 -2.44 -15.04 -2.23
C PRO A 154 -3.71 -15.86 -2.01
N VAL A 155 -3.97 -16.24 -0.76
CA VAL A 155 -5.32 -16.57 -0.33
C VAL A 155 -5.76 -15.57 0.74
N THR A 156 -7.04 -15.24 0.75
CA THR A 156 -7.66 -14.47 1.82
C THR A 156 -8.56 -15.40 2.62
N VAL A 157 -8.45 -15.34 3.95
CA VAL A 157 -9.21 -16.21 4.85
C VAL A 157 -10.02 -15.38 5.83
N THR A 158 -11.34 -15.51 5.77
CA THR A 158 -12.22 -14.86 6.73
C THR A 158 -12.94 -15.87 7.63
N TRP A 159 -13.47 -15.36 8.74
CA TRP A 159 -14.21 -16.15 9.70
C TRP A 159 -15.62 -15.57 9.83
N ASN A 160 -16.61 -16.43 9.60
CA ASN A 160 -18.02 -16.05 9.46
C ASN A 160 -18.25 -14.89 8.49
N SER A 161 -17.64 -15.02 7.31
CA SER A 161 -17.69 -14.01 6.25
C SER A 161 -17.44 -12.57 6.72
N GLY A 162 -16.44 -12.42 7.60
CA GLY A 162 -15.93 -11.13 8.03
C GLY A 162 -16.36 -10.65 9.41
N SER A 163 -17.48 -11.19 9.91
CA SER A 163 -18.07 -10.74 11.19
C SER A 163 -17.23 -11.06 12.43
N LEU A 164 -16.37 -12.07 12.28
CA LEU A 164 -15.50 -12.54 13.36
C LEU A 164 -14.06 -12.23 12.97
N SER A 165 -13.51 -11.17 13.55
CA SER A 165 -12.18 -10.68 13.17
C SER A 165 -11.24 -10.49 14.38
N SER A 166 -11.84 -10.28 15.55
CA SER A 166 -11.09 -10.30 16.80
C SER A 166 -10.63 -11.75 17.12
N GLY A 167 -9.35 -11.90 17.49
CA GLY A 167 -8.81 -13.20 17.90
C GLY A 167 -8.46 -14.15 16.77
N VAL A 168 -8.07 -13.60 15.62
CA VAL A 168 -7.73 -14.34 14.41
C VAL A 168 -6.28 -14.08 13.98
N HIS A 169 -5.51 -15.14 13.69
CA HIS A 169 -4.22 -14.99 12.99
C HIS A 169 -4.22 -15.90 11.77
N THR A 170 -3.88 -15.37 10.61
CA THR A 170 -3.55 -16.23 9.49
C THR A 170 -2.04 -16.19 9.37
N PHE A 171 -1.41 -17.36 9.40
CA PHE A 171 0.03 -17.46 9.33
C PHE A 171 0.46 -17.30 7.89
N PRO A 172 1.67 -16.77 7.64
CA PRO A 172 2.19 -16.72 6.26
C PRO A 172 2.31 -18.12 5.62
N ALA A 173 2.11 -18.21 4.31
CA ALA A 173 2.25 -19.48 3.59
C ALA A 173 3.70 -19.98 3.57
N VAL A 174 3.86 -21.31 3.51
CA VAL A 174 5.18 -21.90 3.28
C VAL A 174 5.13 -22.63 1.94
N LEU A 175 6.12 -22.38 1.10
CA LEU A 175 6.15 -22.96 -0.24
C LEU A 175 7.00 -24.22 -0.25
N GLN A 176 6.42 -25.33 -0.70
CA GLN A 176 7.18 -26.56 -0.87
C GLN A 176 6.76 -27.32 -2.13
N SER A 177 7.75 -27.72 -2.91
CA SER A 177 7.52 -28.40 -4.17
C SER A 177 6.39 -27.72 -4.95
N ASP A 178 6.57 -26.43 -5.24
CA ASP A 178 5.66 -25.62 -6.07
C ASP A 178 4.19 -25.61 -5.61
N LEU A 179 3.97 -25.67 -4.29
CA LEU A 179 2.63 -25.53 -3.70
C LEU A 179 2.66 -24.83 -2.35
N TYR A 180 1.67 -23.98 -2.10
CA TYR A 180 1.57 -23.23 -0.85
C TYR A 180 0.60 -23.84 0.15
N THR A 181 0.95 -23.75 1.44
CA THR A 181 0.09 -24.19 2.52
C THR A 181 0.13 -23.19 3.67
N LEU A 182 -1.03 -22.89 4.25
CA LEU A 182 -1.10 -22.11 5.49
C LEU A 182 -2.25 -22.53 6.38
N SER A 183 -2.23 -22.03 7.61
CA SER A 183 -3.30 -22.22 8.54
C SER A 183 -3.79 -20.87 9.01
N SER A 184 -5.06 -20.84 9.42
CA SER A 184 -5.66 -19.68 10.04
C SER A 184 -6.21 -20.12 11.39
N SER A 185 -6.10 -19.22 12.35
CA SER A 185 -6.42 -19.52 13.72
C SER A 185 -7.51 -18.54 14.18
N VAL A 186 -8.50 -19.04 14.92
CA VAL A 186 -9.51 -18.19 15.55
C VAL A 186 -9.75 -18.67 16.97
N THR A 187 -9.96 -17.71 17.87
CA THR A 187 -10.27 -17.97 19.26
C THR A 187 -11.61 -17.30 19.57
N VAL A 188 -12.47 -18.00 20.29
CA VAL A 188 -13.82 -17.53 20.65
C VAL A 188 -14.09 -17.99 22.09
N PRO A 189 -15.10 -17.40 22.78
CA PRO A 189 -15.45 -17.93 24.10
C PRO A 189 -15.85 -19.41 24.03
N SER A 190 -15.52 -20.15 25.09
CA SER A 190 -15.81 -21.60 25.18
C SER A 190 -17.31 -21.86 25.12
N SER A 191 -18.04 -21.10 25.94
CA SER A 191 -19.50 -21.20 26.05
C SER A 191 -20.23 -21.02 24.72
N SER A 192 -19.70 -20.13 23.86
CA SER A 192 -20.33 -19.79 22.58
C SER A 192 -20.22 -20.86 21.48
N TRP A 193 -19.23 -21.75 21.56
CA TRP A 193 -19.05 -22.80 20.54
C TRP A 193 -19.28 -24.19 21.15
N PRO A 194 -20.00 -25.08 20.42
CA PRO A 194 -20.58 -24.98 19.08
C PRO A 194 -22.02 -24.44 19.05
N SER A 195 -22.45 -23.80 20.13
CA SER A 195 -23.75 -23.14 20.19
C SER A 195 -23.93 -22.18 19.02
N GLU A 196 -23.06 -21.17 18.97
CA GLU A 196 -22.99 -20.24 17.84
C GLU A 196 -21.98 -20.79 16.82
N THR A 197 -22.37 -20.73 15.54
CA THR A 197 -21.56 -21.29 14.44
C THR A 197 -20.19 -20.60 14.20
N VAL A 198 -19.21 -21.38 13.72
CA VAL A 198 -17.88 -20.86 13.35
C VAL A 198 -17.42 -21.50 12.04
N THR A 199 -17.18 -20.65 11.04
CA THR A 199 -16.93 -21.08 9.67
C THR A 199 -15.80 -20.25 9.03
N CYS A 200 -14.86 -20.92 8.36
CA CYS A 200 -13.83 -20.20 7.61
C CYS A 200 -14.14 -20.16 6.12
N ASN A 201 -14.12 -18.94 5.58
CA ASN A 201 -14.30 -18.71 4.16
C ASN A 201 -12.93 -18.44 3.56
N VAL A 202 -12.62 -19.14 2.49
CA VAL A 202 -11.28 -19.15 1.94
C VAL A 202 -11.32 -18.81 0.46
N ALA A 203 -11.10 -17.54 0.15
CA ALA A 203 -11.01 -17.06 -1.22
C ALA A 203 -9.60 -17.23 -1.78
N HIS A 204 -9.52 -17.80 -2.99
CA HIS A 204 -8.26 -17.91 -3.74
C HIS A 204 -8.49 -17.31 -5.13
N PRO A 205 -8.06 -16.05 -5.35
CA PRO A 205 -8.45 -15.32 -6.57
C PRO A 205 -7.90 -15.90 -7.87
N ALA A 206 -6.72 -16.49 -7.83
CA ALA A 206 -6.03 -16.94 -9.04
C ALA A 206 -6.74 -18.11 -9.75
N SER A 207 -7.61 -18.78 -9.01
CA SER A 207 -8.37 -19.90 -9.52
C SER A 207 -9.86 -19.54 -9.56
N SER A 208 -10.18 -18.35 -9.06
CA SER A 208 -11.54 -17.81 -9.01
C SER A 208 -12.48 -18.55 -8.04
N THR A 209 -11.88 -19.22 -7.04
CA THR A 209 -12.66 -20.03 -6.11
C THR A 209 -12.74 -19.43 -4.69
N LYS A 210 -13.93 -19.49 -4.11
CA LYS A 210 -14.12 -19.18 -2.71
C LYS A 210 -14.89 -20.31 -2.01
N VAL A 211 -14.19 -21.08 -1.19
CA VAL A 211 -14.78 -22.22 -0.48
C VAL A 211 -15.06 -21.93 1.01
N ASP A 212 -16.19 -22.42 1.50
CA ASP A 212 -16.56 -22.32 2.91
C ASP A 212 -16.28 -23.64 3.64
N LYS A 213 -15.90 -23.54 4.91
CA LYS A 213 -15.68 -24.72 5.75
C LYS A 213 -16.08 -24.47 7.22
N LYS A 214 -17.15 -25.13 7.64
CA LYS A 214 -17.66 -25.02 8.99
C LYS A 214 -16.83 -25.88 9.96
N ILE A 215 -16.59 -25.36 11.16
CA ILE A 215 -15.84 -26.07 12.20
C ILE A 215 -16.77 -26.66 13.27
N VAL A 216 -16.96 -27.98 13.19
CA VAL A 216 -17.80 -28.75 14.12
C VAL A 216 -16.94 -29.61 15.06
N PRO A 217 -17.45 -29.88 16.29
CA PRO A 217 -16.75 -30.77 17.21
C PRO A 217 -16.49 -32.14 16.58
N ARG A 218 -15.38 -32.78 16.93
CA ARG A 218 -15.06 -34.12 16.43
C ARG A 218 -15.97 -35.23 17.02
N ASP B 1 18.00 12.75 -8.87
N ASP B 1 16.91 12.77 -9.46
CA ASP B 1 16.64 12.28 -8.43
CA ASP B 1 16.42 11.84 -8.39
C ASP B 1 16.61 12.04 -6.93
C ASP B 1 16.72 12.40 -7.00
N ILE B 2 15.66 12.69 -6.26
CA ILE B 2 15.70 12.94 -4.82
C ILE B 2 15.75 11.62 -4.11
N LEU B 3 16.74 11.47 -3.24
CA LEU B 3 16.88 10.30 -2.40
C LEU B 3 16.36 10.65 -1.02
N LEU B 4 15.54 9.77 -0.47
CA LEU B 4 14.98 9.96 0.85
C LEU B 4 15.50 8.90 1.77
N THR B 5 16.16 9.32 2.83
CA THR B 5 16.73 8.37 3.77
C THR B 5 15.90 8.29 5.03
N GLN B 6 15.51 7.09 5.40
CA GLN B 6 14.73 6.88 6.62
C GLN B 6 15.53 6.20 7.73
N SER B 7 15.63 6.86 8.88
N SER B 7 15.63 6.88 8.88
CA SER B 7 16.33 6.30 10.02
CA SER B 7 16.34 6.38 10.05
C SER B 7 15.49 6.29 11.30
C SER B 7 15.46 6.30 11.31
N PRO B 8 15.64 5.24 12.12
CA PRO B 8 16.36 3.99 11.73
C PRO B 8 15.45 3.12 10.86
N ALA B 9 15.91 1.93 10.47
CA ALA B 9 15.10 1.03 9.66
C ALA B 9 14.08 0.29 10.53
N ILE B 10 14.41 0.13 11.82
CA ILE B 10 13.49 -0.43 12.82
C ILE B 10 13.50 0.44 14.08
N LEU B 11 12.30 0.78 14.56
CA LEU B 11 12.11 1.58 15.75
C LEU B 11 11.36 0.75 16.77
N SER B 12 11.98 0.50 17.92
CA SER B 12 11.36 -0.27 19.00
C SER B 12 11.02 0.66 20.14
N VAL B 13 9.76 0.66 20.55
CA VAL B 13 9.25 1.63 21.49
C VAL B 13 8.39 0.92 22.53
N SER B 14 8.05 1.62 23.62
CA SER B 14 7.15 1.08 24.65
C SER B 14 5.75 1.65 24.45
N PRO B 15 4.70 0.88 24.82
CA PRO B 15 3.33 1.37 24.62
C PRO B 15 3.11 2.68 25.38
N GLY B 16 2.48 3.63 24.72
CA GLY B 16 2.22 4.92 25.35
C GLY B 16 3.28 5.99 25.13
N GLU B 17 4.50 5.59 24.79
CA GLU B 17 5.55 6.57 24.47
C GLU B 17 5.25 7.39 23.19
N ARG B 18 5.95 8.51 23.03
CA ARG B 18 5.90 9.31 21.80
C ARG B 18 7.04 8.83 20.90
N VAL B 19 6.72 8.50 19.65
CA VAL B 19 7.71 7.97 18.70
C VAL B 19 7.87 8.91 17.52
N SER B 20 9.07 8.91 16.93
CA SER B 20 9.42 9.81 15.82
C SER B 20 10.20 9.11 14.71
N PHE B 21 9.67 9.18 13.49
CA PHE B 21 10.29 8.56 12.32
C PHE B 21 10.99 9.65 11.55
N SER B 22 12.21 9.38 11.08
CA SER B 22 12.98 10.39 10.38
C SER B 22 12.96 10.15 8.88
N CYS B 23 13.01 11.25 8.13
CA CYS B 23 13.12 11.18 6.70
C CYS B 23 13.93 12.37 6.21
N ARG B 24 15.16 12.09 5.75
CA ARG B 24 16.07 13.10 5.27
C ARG B 24 16.11 13.06 3.75
N ALA B 25 15.92 14.22 3.12
CA ALA B 25 16.02 14.39 1.66
C ALA B 25 17.43 14.86 1.19
N SER B 26 17.80 14.47 -0.02
CA SER B 26 19.14 14.67 -0.56
C SER B 26 19.35 16.09 -1.05
N GLN B 27 18.26 16.84 -1.15
CA GLN B 27 18.32 18.25 -1.41
C GLN B 27 17.05 18.91 -0.85
N SER B 28 17.04 20.24 -0.79
CA SER B 28 15.94 20.98 -0.17
C SER B 28 14.63 20.86 -0.95
N ILE B 29 13.58 20.34 -0.29
CA ILE B 29 12.29 20.10 -0.99
C ILE B 29 11.05 20.82 -0.39
N GLY B 30 11.31 21.93 0.31
CA GLY B 30 10.26 22.69 0.99
C GLY B 30 9.62 21.80 2.04
N THR B 31 8.29 21.65 1.95
CA THR B 31 7.54 20.74 2.81
C THR B 31 6.80 19.70 1.97
N ASP B 32 7.32 19.41 0.77
CA ASP B 32 6.64 18.55 -0.21
C ASP B 32 6.89 17.09 0.06
N ILE B 33 6.55 16.67 1.28
CA ILE B 33 6.77 15.33 1.77
C ILE B 33 5.46 14.78 2.40
N HIS B 34 5.15 13.51 2.13
CA HIS B 34 3.89 12.91 2.53
C HIS B 34 4.22 11.61 3.22
N TRP B 35 3.37 11.16 4.13
CA TRP B 35 3.63 9.95 4.89
C TRP B 35 2.52 8.91 4.74
N TYR B 36 2.92 7.65 4.72
CA TYR B 36 2.04 6.52 4.51
C TYR B 36 2.28 5.49 5.57
N GLN B 37 1.21 4.81 5.96
CA GLN B 37 1.31 3.66 6.84
C GLN B 37 0.92 2.42 6.03
N GLN B 38 1.74 1.38 6.11
CA GLN B 38 1.36 0.10 5.53
C GLN B 38 1.47 -1.01 6.55
N ARG B 39 0.33 -1.41 7.11
CA ARG B 39 0.23 -2.61 7.94
C ARG B 39 0.45 -3.91 7.16
N THR B 40 0.68 -4.99 7.91
CA THR B 40 0.89 -6.34 7.35
C THR B 40 -0.19 -6.75 6.31
N ASN B 41 0.26 -7.07 5.10
N ASN B 41 0.30 -7.06 5.11
CA ASN B 41 -0.65 -7.49 4.01
CA ASN B 41 -0.49 -7.40 3.93
C ASN B 41 -1.62 -6.43 3.49
C ASN B 41 -1.72 -6.50 3.66
N GLY B 42 -1.62 -5.24 4.12
CA GLY B 42 -2.54 -4.17 3.74
C GLY B 42 -1.88 -3.27 2.70
N SER B 43 -2.64 -2.35 2.11
CA SER B 43 -2.07 -1.37 1.20
C SER B 43 -1.69 -0.08 1.98
N PRO B 44 -0.85 0.78 1.37
CA PRO B 44 -0.49 2.00 2.07
C PRO B 44 -1.69 2.93 2.28
N ARG B 45 -1.60 3.72 3.32
CA ARG B 45 -2.65 4.64 3.68
C ARG B 45 -2.01 5.97 4.03
N LEU B 46 -2.50 7.05 3.42
CA LEU B 46 -1.97 8.38 3.64
C LEU B 46 -2.28 8.85 5.04
N LEU B 47 -1.24 9.31 5.74
CA LEU B 47 -1.39 9.74 7.13
C LEU B 47 -1.24 11.25 7.28
N ILE B 48 -0.31 11.79 6.51
CA ILE B 48 0.12 13.18 6.61
C ILE B 48 0.56 13.61 5.24
N LYS B 49 0.09 14.78 4.81
CA LYS B 49 0.48 15.33 3.52
C LYS B 49 1.13 16.68 3.76
N TYR B 50 2.07 17.05 2.88
CA TYR B 50 2.81 18.31 2.98
C TYR B 50 3.48 18.54 4.33
N ALA B 51 4.26 17.55 4.77
CA ALA B 51 5.02 17.57 6.02
C ALA B 51 4.20 17.53 7.30
N SER B 52 3.14 18.33 7.39
CA SER B 52 2.39 18.46 8.67
C SER B 52 0.88 18.52 8.56
N GLU B 53 0.33 18.48 7.33
CA GLU B 53 -1.11 18.63 7.16
C GLU B 53 -1.86 17.33 7.46
N SER B 54 -2.80 17.41 8.40
CA SER B 54 -3.58 16.24 8.79
C SER B 54 -4.55 15.76 7.70
N ILE B 55 -4.90 14.49 7.77
CA ILE B 55 -5.76 13.86 6.81
C ILE B 55 -7.02 13.47 7.60
N SER B 56 -8.18 13.53 6.96
CA SER B 56 -9.44 13.20 7.64
C SER B 56 -9.54 11.71 7.93
N GLY B 57 -9.86 11.40 9.18
CA GLY B 57 -10.06 10.02 9.60
C GLY B 57 -8.77 9.34 10.02
N ILE B 58 -7.74 10.14 10.28
CA ILE B 58 -6.47 9.63 10.82
C ILE B 58 -6.41 10.11 12.26
N PRO B 59 -6.08 9.20 13.20
CA PRO B 59 -6.00 9.59 14.62
C PRO B 59 -5.15 10.83 14.88
N SER B 60 -5.68 11.70 15.74
CA SER B 60 -5.08 12.98 16.11
C SER B 60 -3.70 12.87 16.74
N ARG B 61 -3.27 11.64 17.04
CA ARG B 61 -1.94 11.43 17.63
C ARG B 61 -0.79 11.36 16.63
N PHE B 62 -1.12 11.21 15.34
CA PHE B 62 -0.15 11.30 14.26
C PHE B 62 0.07 12.76 13.86
N SER B 63 1.31 13.22 13.88
CA SER B 63 1.62 14.54 13.38
C SER B 63 2.91 14.52 12.61
N GLY B 64 3.18 15.59 11.88
CA GLY B 64 4.40 15.70 11.09
C GLY B 64 5.03 17.07 11.23
N SER B 65 6.36 17.13 11.11
CA SER B 65 7.05 18.40 11.06
C SER B 65 8.25 18.34 10.12
N GLY B 66 8.79 19.52 9.81
CA GLY B 66 10.02 19.64 9.07
C GLY B 66 9.86 20.46 7.81
N SER B 67 10.99 20.80 7.22
CA SER B 67 11.04 21.58 6.01
C SER B 67 12.45 21.51 5.48
N GLY B 68 12.60 21.65 4.17
CA GLY B 68 13.91 21.64 3.54
C GLY B 68 14.35 20.23 3.28
N THR B 69 15.16 19.68 4.16
CA THR B 69 15.70 18.35 3.98
C THR B 69 15.41 17.39 5.15
N ASP B 70 14.89 17.90 6.27
CA ASP B 70 14.69 17.08 7.48
C ASP B 70 13.22 17.02 7.91
N PHE B 71 12.67 15.80 7.98
CA PHE B 71 11.24 15.58 8.21
C PHE B 71 11.00 14.50 9.25
N THR B 72 9.94 14.67 10.03
CA THR B 72 9.68 13.77 11.13
C THR B 72 8.19 13.49 11.18
N LEU B 73 7.86 12.21 11.32
CA LEU B 73 6.52 11.76 11.64
C LEU B 73 6.56 11.42 13.11
N SER B 74 5.61 11.95 13.87
CA SER B 74 5.51 11.60 15.26
C SER B 74 4.19 10.92 15.56
N ILE B 75 4.24 9.96 16.48
CA ILE B 75 3.03 9.37 17.07
C ILE B 75 3.07 9.61 18.56
N ASN B 76 2.04 10.29 19.07
CA ASN B 76 1.85 10.40 20.51
C ASN B 76 1.20 9.14 21.04
N SER B 77 1.71 8.62 22.15
CA SER B 77 1.07 7.49 22.82
C SER B 77 0.83 6.35 21.85
N VAL B 78 1.93 5.75 21.39
CA VAL B 78 1.90 4.58 20.53
C VAL B 78 1.04 3.45 21.11
N GLU B 79 0.39 2.71 20.22
CA GLU B 79 -0.44 1.60 20.60
C GLU B 79 -0.37 0.54 19.52
N SER B 80 -0.94 -0.63 19.80
CA SER B 80 -0.75 -1.81 18.98
C SER B 80 -1.08 -1.65 17.51
N GLU B 81 -2.16 -0.93 17.21
CA GLU B 81 -2.59 -0.75 15.82
C GLU B 81 -1.60 0.09 15.00
N ASP B 82 -0.63 0.68 15.69
CA ASP B 82 0.42 1.47 15.05
C ASP B 82 1.57 0.65 14.51
N ILE B 83 1.60 -0.63 14.89
CA ILE B 83 2.60 -1.56 14.37
C ILE B 83 2.42 -1.64 12.87
N ALA B 84 3.47 -1.24 12.14
CA ALA B 84 3.40 -1.05 10.68
C ALA B 84 4.72 -0.55 10.10
N ASN B 85 4.87 -0.65 8.78
CA ASN B 85 5.87 0.06 8.02
C ASN B 85 5.41 1.47 7.70
N TYR B 86 6.33 2.43 7.77
CA TYR B 86 6.04 3.84 7.49
C TYR B 86 6.99 4.36 6.43
N TYR B 87 6.43 5.00 5.40
CA TYR B 87 7.20 5.51 4.28
C TYR B 87 7.00 7.00 4.13
N CYS B 88 8.01 7.69 3.62
CA CYS B 88 7.86 9.09 3.20
C CYS B 88 7.96 9.09 1.69
N GLN B 89 7.48 10.17 1.07
CA GLN B 89 7.40 10.29 -0.38
C GLN B 89 7.46 11.78 -0.68
N GLN B 90 8.22 12.16 -1.71
CA GLN B 90 8.36 13.57 -2.08
C GLN B 90 7.71 13.86 -3.41
N SER B 91 7.20 15.07 -3.55
CA SER B 91 6.59 15.50 -4.77
C SER B 91 7.17 16.82 -5.21
N ASN B 92 8.37 17.14 -4.76
CA ASN B 92 9.02 18.39 -5.11
C ASN B 92 9.53 18.42 -6.54
N ARG B 93 10.15 17.33 -6.98
CA ARG B 93 10.77 17.28 -8.29
C ARG B 93 10.39 15.98 -8.96
N TRP B 94 10.28 16.00 -10.28
CA TRP B 94 10.06 14.78 -11.02
C TRP B 94 11.35 13.95 -11.07
N PRO B 95 11.25 12.63 -10.84
CA PRO B 95 10.08 11.81 -10.48
C PRO B 95 9.84 11.73 -8.99
N PHE B 96 8.59 11.44 -8.62
CA PHE B 96 8.24 11.20 -7.21
C PHE B 96 9.06 10.03 -6.74
N THR B 97 9.46 10.05 -5.47
CA THR B 97 10.27 8.99 -4.90
C THR B 97 9.80 8.68 -3.48
N PHE B 98 10.03 7.45 -3.04
CA PHE B 98 9.70 6.97 -1.71
C PHE B 98 10.96 6.75 -0.88
N GLY B 99 10.83 6.86 0.44
CA GLY B 99 11.89 6.44 1.35
C GLY B 99 11.86 4.92 1.42
N SER B 100 12.77 4.33 2.19
CA SER B 100 12.88 2.87 2.23
C SER B 100 12.07 2.23 3.36
N GLY B 101 11.57 3.06 4.27
CA GLY B 101 10.60 2.62 5.25
C GLY B 101 11.19 2.42 6.62
N THR B 102 10.38 2.63 7.65
CA THR B 102 10.72 2.31 9.01
C THR B 102 9.61 1.47 9.59
N LYS B 103 10.02 0.36 10.19
CA LYS B 103 9.12 -0.56 10.84
C LYS B 103 8.96 -0.13 12.30
N LEU B 104 7.72 -0.10 12.78
CA LEU B 104 7.47 0.17 14.18
C LEU B 104 7.21 -1.10 14.95
N GLU B 105 8.04 -1.36 15.94
N GLU B 105 8.05 -1.34 15.95
CA GLU B 105 7.90 -2.51 16.80
CA GLU B 105 7.97 -2.49 16.83
C GLU B 105 7.63 -2.05 18.23
C GLU B 105 7.59 -1.99 18.22
N ILE B 106 6.70 -2.71 18.88
CA ILE B 106 6.32 -2.36 20.23
C ILE B 106 6.83 -3.42 21.21
N LYS B 107 7.48 -2.92 22.26
CA LYS B 107 7.94 -3.74 23.38
C LYS B 107 6.84 -3.81 24.42
N ARG B 108 6.17 -4.95 24.49
CA ARG B 108 5.11 -5.16 25.48
C ARG B 108 5.63 -6.00 26.64
N ALA B 109 4.75 -6.32 27.59
CA ALA B 109 5.09 -7.24 28.68
C ALA B 109 5.26 -8.67 28.14
N ASP B 110 6.03 -9.49 28.84
CA ASP B 110 6.21 -10.89 28.47
C ASP B 110 4.90 -11.66 28.57
N ALA B 111 4.64 -12.50 27.56
CA ALA B 111 3.46 -13.36 27.59
C ALA B 111 3.81 -14.77 27.16
N ALA B 112 3.31 -15.77 27.90
CA ALA B 112 3.45 -17.18 27.54
C ALA B 112 2.54 -17.52 26.35
N PRO B 113 2.99 -18.45 25.49
CA PRO B 113 2.12 -18.89 24.40
C PRO B 113 0.92 -19.70 24.87
N THR B 114 -0.17 -19.63 24.11
CA THR B 114 -1.28 -20.56 24.25
C THR B 114 -1.08 -21.63 23.17
N VAL B 115 -0.90 -22.87 23.60
CA VAL B 115 -0.58 -23.97 22.68
C VAL B 115 -1.83 -24.80 22.42
N SER B 116 -2.06 -25.13 21.15
CA SER B 116 -3.18 -25.96 20.74
C SER B 116 -2.67 -26.95 19.71
N ILE B 117 -2.99 -28.23 19.91
CA ILE B 117 -2.64 -29.26 18.95
C ILE B 117 -3.92 -29.74 18.26
N PHE B 118 -3.83 -30.03 16.96
CA PHE B 118 -5.00 -30.46 16.19
C PHE B 118 -4.72 -31.73 15.41
N PRO B 119 -5.54 -32.77 15.63
CA PRO B 119 -5.45 -34.03 14.89
C PRO B 119 -5.78 -33.81 13.42
N PRO B 120 -5.22 -34.66 12.53
CA PRO B 120 -5.64 -34.64 11.14
C PRO B 120 -7.15 -34.69 11.02
N SER B 121 -7.68 -34.12 9.95
CA SER B 121 -9.12 -34.06 9.73
C SER B 121 -9.63 -35.31 9.00
N SER B 122 -10.90 -35.67 9.25
CA SER B 122 -11.54 -36.81 8.57
C SER B 122 -11.33 -36.72 7.07
N GLU B 123 -11.59 -35.52 6.55
CA GLU B 123 -11.48 -35.20 5.12
C GLU B 123 -10.04 -35.30 4.58
N GLN B 124 -9.04 -34.93 5.39
CA GLN B 124 -7.67 -35.03 4.92
C GLN B 124 -7.22 -36.48 4.82
N LEU B 125 -7.55 -37.26 5.85
CA LEU B 125 -7.26 -38.70 5.88
C LEU B 125 -7.82 -39.41 4.64
N THR B 126 -9.09 -39.16 4.35
CA THR B 126 -9.76 -39.57 3.10
C THR B 126 -8.87 -39.32 1.87
N SER B 127 -8.28 -38.14 1.79
CA SER B 127 -7.42 -37.73 0.67
C SER B 127 -6.08 -38.51 0.64
N GLY B 128 -5.77 -39.17 1.76
CA GLY B 128 -4.59 -40.04 1.84
C GLY B 128 -3.36 -39.40 2.45
N GLY B 129 -3.56 -38.23 3.08
CA GLY B 129 -2.49 -37.53 3.80
C GLY B 129 -2.97 -37.12 5.18
N ALA B 130 -2.03 -36.79 6.06
CA ALA B 130 -2.37 -36.33 7.41
C ALA B 130 -1.43 -35.24 7.95
N SER B 131 -2.02 -34.11 8.34
CA SER B 131 -1.27 -32.98 8.91
C SER B 131 -1.67 -32.73 10.36
N VAL B 132 -0.67 -32.76 11.23
CA VAL B 132 -0.88 -32.43 12.61
C VAL B 132 -0.41 -30.99 12.80
N VAL B 133 -1.32 -30.15 13.27
CA VAL B 133 -1.11 -28.71 13.34
C VAL B 133 -1.01 -28.27 14.78
N CYS B 134 0.05 -27.52 15.08
CA CYS B 134 0.19 -26.91 16.38
C CYS B 134 0.28 -25.37 16.25
N PHE B 135 -0.50 -24.68 17.09
CA PHE B 135 -0.52 -23.22 17.14
C PHE B 135 0.07 -22.77 18.45
N LEU B 136 1.03 -21.86 18.35
CA LEU B 136 1.64 -21.21 19.50
C LEU B 136 1.20 -19.74 19.40
N ASN B 137 0.34 -19.31 20.32
CA ASN B 137 -0.41 -18.09 20.12
C ASN B 137 -0.23 -17.07 21.21
N ASN B 138 -0.09 -15.81 20.75
CA ASN B 138 -0.05 -14.63 21.60
C ASN B 138 1.05 -14.63 22.66
N PHE B 139 2.28 -14.84 22.21
CA PHE B 139 3.44 -14.81 23.10
C PHE B 139 4.36 -13.61 22.88
N TYR B 140 5.13 -13.27 23.91
CA TYR B 140 6.12 -12.23 23.86
C TYR B 140 7.25 -12.59 24.84
N PRO B 141 8.53 -12.51 24.38
CA PRO B 141 9.01 -12.06 23.05
C PRO B 141 8.86 -13.06 21.91
N LYS B 142 9.37 -12.72 20.73
CA LYS B 142 9.17 -13.53 19.52
C LYS B 142 9.97 -14.83 19.48
N ASP B 143 10.98 -14.93 20.34
CA ASP B 143 11.89 -16.08 20.38
C ASP B 143 11.20 -17.30 21.03
N ILE B 144 11.01 -18.34 20.24
CA ILE B 144 10.28 -19.51 20.69
C ILE B 144 10.78 -20.78 19.98
N ASN B 145 10.73 -21.91 20.67
N ASN B 145 10.71 -21.90 20.69
CA ASN B 145 11.10 -23.18 20.08
CA ASN B 145 11.11 -23.22 20.20
C ASN B 145 9.96 -24.19 20.18
C ASN B 145 9.90 -24.17 20.18
N VAL B 146 9.76 -24.94 19.11
CA VAL B 146 8.73 -25.98 19.04
C VAL B 146 9.37 -27.35 18.87
N LYS B 147 8.83 -28.34 19.56
CA LYS B 147 9.36 -29.69 19.43
C LYS B 147 8.25 -30.69 19.20
N TRP B 148 8.44 -31.57 18.23
CA TRP B 148 7.51 -32.66 17.96
C TRP B 148 8.05 -33.99 18.42
N LYS B 149 7.24 -34.71 19.20
CA LYS B 149 7.54 -36.11 19.53
C LYS B 149 6.43 -37.02 19.03
N ILE B 150 6.82 -38.13 18.41
CA ILE B 150 5.87 -39.21 18.13
C ILE B 150 6.17 -40.40 19.03
N ASP B 151 5.15 -40.82 19.77
CA ASP B 151 5.24 -41.90 20.77
C ASP B 151 6.50 -41.78 21.64
N GLY B 152 6.66 -40.61 22.28
CA GLY B 152 7.77 -40.36 23.20
C GLY B 152 9.11 -40.00 22.58
N SER B 153 9.26 -40.24 21.28
CA SER B 153 10.52 -40.00 20.55
C SER B 153 10.45 -38.81 19.59
N GLU B 154 11.45 -37.94 19.71
CA GLU B 154 11.57 -36.70 18.92
C GLU B 154 11.47 -36.93 17.40
N ARG B 155 10.74 -36.02 16.75
CA ARG B 155 10.56 -35.99 15.30
C ARG B 155 11.03 -34.62 14.77
N GLN B 156 11.70 -34.64 13.61
CA GLN B 156 12.25 -33.43 13.00
C GLN B 156 11.88 -33.34 11.52
N ASN B 157 11.81 -34.48 10.86
CA ASN B 157 11.39 -34.55 9.45
C ASN B 157 9.91 -34.20 9.29
N GLY B 158 9.59 -33.52 8.18
CA GLY B 158 8.21 -33.22 7.79
C GLY B 158 7.54 -32.11 8.60
N VAL B 159 8.33 -31.36 9.37
CA VAL B 159 7.81 -30.26 10.19
C VAL B 159 8.11 -28.91 9.53
N LEU B 160 7.06 -28.21 9.12
CA LEU B 160 7.16 -26.85 8.58
C LEU B 160 6.61 -25.81 9.55
N ASN B 161 7.42 -24.77 9.81
CA ASN B 161 7.05 -23.67 10.70
C ASN B 161 6.76 -22.36 9.98
N SER B 162 5.79 -21.61 10.49
CA SER B 162 5.48 -20.27 10.03
C SER B 162 5.30 -19.37 11.24
N TRP B 163 5.81 -18.14 11.11
CA TRP B 163 5.75 -17.15 12.17
C TRP B 163 5.06 -15.90 11.65
N THR B 164 4.13 -15.35 12.44
CA THR B 164 3.47 -14.09 12.10
C THR B 164 4.36 -12.91 12.47
N ASP B 165 4.22 -11.82 11.72
CA ASP B 165 4.69 -10.48 12.13
C ASP B 165 4.06 -10.14 13.47
N GLN B 166 4.53 -9.08 14.11
CA GLN B 166 3.95 -8.64 15.37
C GLN B 166 2.50 -8.21 15.14
N ASP B 167 1.66 -8.53 16.12
CA ASP B 167 0.23 -8.35 16.03
C ASP B 167 -0.19 -6.90 16.34
N SER B 168 -0.88 -6.27 15.40
CA SER B 168 -1.44 -4.95 15.59
C SER B 168 -2.69 -4.94 16.49
N LYS B 169 -3.02 -6.07 17.09
CA LYS B 169 -4.14 -6.12 18.02
C LYS B 169 -3.67 -6.09 19.49
N ASP B 170 -2.51 -6.70 19.77
CA ASP B 170 -2.01 -6.83 21.14
C ASP B 170 -0.48 -6.87 21.28
N SER B 171 0.25 -6.58 20.20
CA SER B 171 1.72 -6.53 20.18
C SER B 171 2.43 -7.86 20.43
N THR B 172 1.69 -8.97 20.32
CA THR B 172 2.28 -10.29 20.53
C THR B 172 2.76 -10.91 19.23
N TYR B 173 3.32 -12.10 19.34
CA TYR B 173 3.62 -12.91 18.17
C TYR B 173 2.89 -14.25 18.23
N SER B 174 2.77 -14.88 17.07
CA SER B 174 2.27 -16.24 17.00
C SER B 174 3.09 -17.07 16.03
N MET B 175 3.09 -18.39 16.25
CA MET B 175 3.70 -19.33 15.32
C MET B 175 2.82 -20.55 15.17
N SER B 176 2.85 -21.12 13.96
CA SER B 176 2.25 -22.41 13.68
C SER B 176 3.32 -23.41 13.26
N SER B 177 3.14 -24.67 13.68
CA SER B 177 4.03 -25.75 13.32
C SER B 177 3.22 -26.94 12.80
N THR B 178 3.54 -27.38 11.58
CA THR B 178 2.76 -28.38 10.88
C THR B 178 3.61 -29.59 10.51
N LEU B 179 3.31 -30.72 11.16
CA LEU B 179 3.90 -32.01 10.81
C LEU B 179 2.97 -32.72 9.83
N THR B 180 3.50 -32.98 8.64
CA THR B 180 2.71 -33.62 7.58
C THR B 180 3.25 -35.01 7.26
N LEU B 181 2.36 -36.00 7.32
CA LEU B 181 2.68 -37.40 7.05
C LEU B 181 1.67 -37.96 6.04
N THR B 182 2.01 -39.10 5.43
CA THR B 182 1.01 -39.88 4.69
C THR B 182 0.05 -40.50 5.69
N LYS B 183 -1.10 -40.95 5.22
CA LYS B 183 -2.05 -41.64 6.10
C LYS B 183 -1.39 -42.90 6.70
N ASP B 184 -0.65 -43.63 5.86
CA ASP B 184 0.05 -44.85 6.26
C ASP B 184 1.04 -44.62 7.42
N GLU B 185 1.85 -43.58 7.29
CA GLU B 185 2.83 -43.21 8.30
C GLU B 185 2.16 -42.76 9.60
N TYR B 186 1.01 -42.09 9.44
CA TYR B 186 0.21 -41.60 10.56
C TYR B 186 -0.51 -42.73 11.31
N GLU B 187 -1.03 -43.71 10.55
CA GLU B 187 -1.83 -44.81 11.10
C GLU B 187 -1.06 -45.68 12.10
N ARG B 188 0.25 -45.81 11.88
CA ARG B 188 1.07 -46.68 12.71
C ARG B 188 1.81 -46.00 13.86
N HIS B 189 1.24 -44.92 14.37
CA HIS B 189 1.69 -44.31 15.62
C HIS B 189 0.48 -43.94 16.49
N ASN B 190 0.71 -43.79 17.79
CA ASN B 190 -0.39 -43.58 18.72
C ASN B 190 -0.51 -42.12 19.20
N SER B 191 0.51 -41.63 19.90
CA SER B 191 0.46 -40.27 20.43
C SER B 191 1.43 -39.31 19.73
N TYR B 192 0.91 -38.13 19.43
CA TYR B 192 1.65 -37.03 18.79
C TYR B 192 1.69 -35.88 19.76
N THR B 193 2.88 -35.35 20.01
CA THR B 193 3.05 -34.32 21.02
C THR B 193 3.83 -33.10 20.53
N CYS B 194 3.27 -31.93 20.80
CA CYS B 194 3.86 -30.67 20.40
C CYS B 194 4.34 -29.96 21.67
N GLU B 195 5.62 -29.60 21.71
CA GLU B 195 6.23 -28.97 22.89
C GLU B 195 6.78 -27.57 22.62
N ALA B 196 6.40 -26.62 23.45
CA ALA B 196 6.78 -25.22 23.29
C ALA B 196 7.67 -24.70 24.41
N THR B 197 8.90 -24.35 24.07
CA THR B 197 9.84 -23.77 25.03
C THR B 197 9.96 -22.26 24.80
N HIS B 198 9.64 -21.51 25.84
CA HIS B 198 9.64 -20.06 25.75
C HIS B 198 10.18 -19.42 27.04
N LYS B 199 10.83 -18.26 26.87
CA LYS B 199 11.40 -17.45 27.94
C LYS B 199 10.53 -17.39 29.20
N THR B 200 9.22 -17.35 29.00
CA THR B 200 8.25 -17.19 30.10
C THR B 200 8.21 -18.33 31.13
N SER B 201 8.75 -19.50 30.78
CA SER B 201 8.79 -20.62 31.72
C SER B 201 9.97 -21.57 31.55
N THR B 202 10.37 -22.17 32.68
CA THR B 202 11.39 -23.20 32.75
C THR B 202 10.94 -24.45 31.98
N SER B 203 9.75 -24.94 32.34
CA SER B 203 9.18 -26.13 31.73
C SER B 203 8.50 -25.78 30.42
N PRO B 204 8.70 -26.61 29.38
CA PRO B 204 7.95 -26.39 28.15
C PRO B 204 6.46 -26.62 28.35
N ILE B 205 5.65 -25.93 27.55
CA ILE B 205 4.23 -26.18 27.51
C ILE B 205 4.03 -27.30 26.49
N VAL B 206 3.23 -28.30 26.85
CA VAL B 206 3.14 -29.54 26.10
C VAL B 206 1.69 -29.89 25.80
N LYS B 207 1.42 -30.27 24.55
CA LYS B 207 0.08 -30.66 24.13
C LYS B 207 0.17 -31.88 23.22
N SER B 208 -0.63 -32.89 23.54
CA SER B 208 -0.66 -34.13 22.74
C SER B 208 -2.06 -34.71 22.58
N PHE B 209 -2.23 -35.53 21.57
CA PHE B 209 -3.44 -36.30 21.36
C PHE B 209 -3.07 -37.74 20.98
N ASN B 210 -3.93 -38.70 21.35
CA ASN B 210 -3.80 -40.09 20.90
C ASN B 210 -4.65 -40.31 19.64
N ARG B 211 -4.09 -41.02 18.66
CA ARG B 211 -4.81 -41.33 17.42
C ARG B 211 -6.06 -42.18 17.69
N ASN B 212 -5.96 -43.09 18.67
CA ASN B 212 -7.11 -43.85 19.15
C ASN B 212 -8.05 -42.94 19.93
N ALA C 23 -17.72 50.36 -26.84
CA ALA C 23 -16.37 50.92 -27.14
C ALA C 23 -15.37 49.82 -27.48
N LEU C 24 -14.74 49.94 -28.65
CA LEU C 24 -13.68 49.00 -29.08
C LEU C 24 -12.60 48.78 -28.00
N HIS C 25 -12.07 49.86 -27.44
CA HIS C 25 -11.01 49.72 -26.45
C HIS C 25 -11.40 48.91 -25.21
N TRP C 26 -12.60 49.14 -24.68
CA TRP C 26 -13.07 48.34 -23.55
C TRP C 26 -13.45 46.90 -23.98
N ARG C 27 -13.97 46.76 -25.19
CA ARG C 27 -14.22 45.45 -25.78
C ARG C 27 -12.92 44.66 -25.86
N ALA C 28 -11.88 45.28 -26.42
CA ALA C 28 -10.54 44.69 -26.49
C ALA C 28 -9.93 44.41 -25.11
N ALA C 29 -10.00 45.38 -24.19
CA ALA C 29 -9.45 45.21 -22.83
C ALA C 29 -10.17 44.12 -22.04
N GLY C 30 -11.51 44.07 -22.21
CA GLY C 30 -12.34 43.02 -21.60
C GLY C 30 -12.03 41.62 -22.11
N ALA C 31 -11.93 41.47 -23.43
CA ALA C 31 -11.59 40.20 -24.06
C ALA C 31 -10.24 39.66 -23.58
N ALA C 32 -9.20 40.48 -23.71
CA ALA C 32 -7.83 40.13 -23.30
C ALA C 32 -7.75 39.67 -21.84
N THR C 33 -8.52 40.33 -20.96
CA THR C 33 -8.55 39.96 -19.55
C THR C 33 -9.26 38.63 -19.31
N VAL C 34 -10.21 38.29 -20.18
CA VAL C 34 -10.86 36.98 -20.11
C VAL C 34 -9.95 35.92 -20.74
N LEU C 35 -9.32 36.27 -21.86
N LEU C 35 -9.32 36.27 -21.86
CA LEU C 35 -8.33 35.40 -22.50
CA LEU C 35 -8.32 35.42 -22.50
C LEU C 35 -7.13 35.13 -21.60
C LEU C 35 -7.17 35.12 -21.55
N LEU C 36 -6.77 36.12 -20.76
CA LEU C 36 -5.64 35.99 -19.85
C LEU C 36 -5.93 34.98 -18.76
N VAL C 37 -7.07 35.12 -18.10
CA VAL C 37 -7.52 34.14 -17.10
C VAL C 37 -7.52 32.72 -17.71
N ILE C 38 -8.01 32.60 -18.94
CA ILE C 38 -8.09 31.31 -19.63
C ILE C 38 -6.69 30.78 -19.89
N VAL C 39 -5.81 31.65 -20.41
CA VAL C 39 -4.41 31.28 -20.58
C VAL C 39 -3.71 30.90 -19.26
N LEU C 40 -4.03 31.56 -18.15
CA LEU C 40 -3.45 31.20 -16.85
C LEU C 40 -3.88 29.82 -16.40
N LEU C 41 -5.15 29.49 -16.63
CA LEU C 41 -5.69 28.18 -16.24
C LEU C 41 -5.19 27.05 -17.15
N ALA C 42 -5.33 27.21 -18.46
CA ALA C 42 -4.82 26.23 -19.41
C ALA C 42 -3.31 26.15 -19.29
N GLY C 43 -2.68 27.33 -19.13
CA GLY C 43 -1.24 27.41 -18.86
C GLY C 43 -0.77 26.53 -17.73
N SER C 44 -1.48 26.54 -16.59
CA SER C 44 -1.14 25.69 -15.45
C SER C 44 -1.23 24.24 -15.78
N TYR C 45 -2.31 23.89 -16.49
CA TYR C 45 -2.61 22.51 -16.86
C TYR C 45 -1.54 21.99 -17.80
N LEU C 46 -1.18 22.81 -18.78
CA LEU C 46 -0.25 22.39 -19.84
C LEU C 46 1.20 22.28 -19.38
N ALA C 47 1.66 23.25 -18.59
CA ALA C 47 2.94 23.20 -17.87
C ALA C 47 3.19 21.88 -17.17
N VAL C 48 2.27 21.48 -16.30
CA VAL C 48 2.39 20.21 -15.56
C VAL C 48 2.48 19.01 -16.50
N LEU C 49 1.66 19.02 -17.55
CA LEU C 49 1.70 17.99 -18.57
C LEU C 49 3.00 17.94 -19.35
N ALA C 50 3.55 19.11 -19.67
CA ALA C 50 4.81 19.25 -20.41
C ALA C 50 6.04 18.93 -19.57
N GLU C 51 5.98 19.20 -18.26
CA GLU C 51 7.13 19.11 -17.35
C GLU C 51 7.28 17.77 -16.63
N ARG C 52 6.14 17.12 -16.34
CA ARG C 52 6.21 15.77 -15.79
C ARG C 52 6.83 14.90 -16.88
N GLY C 53 7.76 14.05 -16.51
CA GLY C 53 8.55 13.35 -17.52
C GLY C 53 9.99 13.81 -17.55
N ALA C 54 10.22 15.09 -17.21
CA ALA C 54 11.55 15.69 -17.21
C ALA C 54 12.20 15.73 -15.81
N PRO C 55 13.23 14.90 -15.59
CA PRO C 55 13.90 14.88 -14.30
C PRO C 55 14.39 16.26 -13.82
N GLY C 56 14.21 16.53 -12.53
CA GLY C 56 14.50 17.84 -11.93
C GLY C 56 13.38 18.87 -12.09
N ALA C 57 12.40 18.57 -12.93
CA ALA C 57 11.27 19.45 -13.09
C ALA C 57 10.53 19.62 -11.76
N GLN C 58 10.22 20.87 -11.44
CA GLN C 58 9.53 21.27 -10.21
C GLN C 58 8.15 21.80 -10.56
N LEU C 59 7.91 22.07 -11.82
CA LEU C 59 6.69 22.73 -12.23
C LEU C 59 5.67 21.64 -12.55
N ILE C 60 5.40 20.78 -11.55
CA ILE C 60 4.73 19.48 -11.76
C ILE C 60 3.44 19.19 -10.95
N THR C 61 2.91 20.18 -10.24
CA THR C 61 1.60 20.06 -9.59
C THR C 61 0.76 21.30 -9.92
N TYR C 62 -0.57 21.17 -9.99
CA TYR C 62 -1.41 22.24 -10.52
C TYR C 62 -1.46 23.52 -9.69
N PRO C 63 -1.57 23.40 -8.35
CA PRO C 63 -1.64 24.63 -7.55
C PRO C 63 -0.43 25.57 -7.70
N ARG C 64 0.78 25.04 -7.54
CA ARG C 64 2.02 25.81 -7.77
C ARG C 64 2.25 26.24 -9.22
N ALA C 65 1.91 25.38 -10.17
CA ALA C 65 1.88 25.73 -11.59
C ALA C 65 0.99 26.92 -11.90
N LEU C 66 -0.13 27.05 -11.21
CA LEU C 66 -1.02 28.21 -11.42
C LEU C 66 -0.45 29.52 -10.85
N TRP C 67 0.20 29.41 -9.69
CA TRP C 67 1.00 30.49 -9.13
C TRP C 67 2.14 30.85 -10.09
N TRP C 68 2.90 29.87 -10.55
CA TRP C 68 3.87 30.06 -11.63
C TRP C 68 3.31 30.88 -12.81
N SER C 69 2.14 30.51 -13.31
N SER C 69 2.12 30.52 -13.29
CA SER C 69 1.51 31.24 -14.43
CA SER C 69 1.47 31.19 -14.41
C SER C 69 1.26 32.70 -14.12
C SER C 69 1.16 32.66 -14.14
N VAL C 70 0.79 32.98 -12.91
CA VAL C 70 0.56 34.39 -12.52
C VAL C 70 1.88 35.16 -12.48
N GLU C 71 2.86 34.58 -11.79
N GLU C 71 2.89 34.56 -11.85
CA GLU C 71 4.27 35.05 -11.72
CA GLU C 71 4.23 35.14 -11.72
C GLU C 71 4.80 35.47 -13.09
C GLU C 71 4.96 35.35 -13.06
N THR C 72 4.51 34.63 -14.09
CA THR C 72 5.06 34.72 -15.43
C THR C 72 4.38 35.79 -16.25
N ALA C 73 3.03 35.78 -16.24
CA ALA C 73 2.21 36.78 -16.89
C ALA C 73 2.51 38.17 -16.40
N THR C 74 2.75 38.30 -15.11
CA THR C 74 3.09 39.62 -14.50
C THR C 74 4.56 40.02 -14.71
N THR C 75 5.43 39.04 -14.97
N THR C 75 5.37 39.06 -15.18
CA THR C 75 6.91 39.22 -15.06
CA THR C 75 6.81 39.26 -15.47
C THR C 75 7.59 39.49 -13.70
C THR C 75 7.60 39.64 -14.22
N VAL C 76 7.04 38.96 -12.61
N VAL C 76 7.16 39.12 -13.08
CA VAL C 76 7.49 39.38 -11.29
CA VAL C 76 7.91 39.21 -11.84
C VAL C 76 8.82 38.78 -10.87
C VAL C 76 8.94 38.08 -11.88
N GLY C 77 9.27 37.81 -11.67
N GLY C 77 8.43 36.88 -12.13
CA GLY C 77 10.55 37.16 -11.50
CA GLY C 77 9.28 35.70 -12.25
C GLY C 77 11.10 36.77 -10.15
C GLY C 77 10.38 35.66 -11.22
N TYR C 78 10.39 35.87 -9.44
N TYR C 78 9.99 35.63 -9.95
CA TYR C 78 10.96 35.27 -8.25
CA TYR C 78 10.97 35.56 -8.87
C TYR C 78 11.95 34.17 -8.55
C TYR C 78 12.07 34.55 -9.21
N GLY C 79 11.65 33.34 -9.58
CA GLY C 79 12.56 32.24 -9.90
C GLY C 79 12.47 31.11 -8.90
N ASP C 80 11.34 31.02 -8.23
CA ASP C 80 11.09 29.85 -7.40
C ASP C 80 10.64 28.65 -8.25
N LEU C 81 10.10 28.92 -9.44
CA LEU C 81 9.58 27.88 -10.33
C LEU C 81 9.76 28.32 -11.75
N TYR C 82 10.22 27.43 -12.62
CA TYR C 82 10.33 27.74 -14.05
C TYR C 82 10.36 26.45 -14.86
N PRO C 83 9.93 26.51 -16.13
CA PRO C 83 9.92 25.28 -16.89
C PRO C 83 11.32 24.93 -17.37
N VAL C 84 11.67 23.64 -17.32
CA VAL C 84 12.96 23.15 -17.85
C VAL C 84 12.84 22.45 -19.23
N THR C 85 11.64 22.39 -19.81
CA THR C 85 11.44 21.64 -21.09
C THR C 85 11.04 22.57 -22.22
N LEU C 86 11.14 22.07 -23.44
CA LEU C 86 10.77 22.84 -24.61
C LEU C 86 9.31 23.28 -24.58
N TRP C 87 8.41 22.34 -24.28
CA TRP C 87 6.98 22.67 -24.33
C TRP C 87 6.50 23.41 -23.11
N GLY C 88 7.15 23.21 -21.97
CA GLY C 88 6.95 24.04 -20.79
C GLY C 88 7.31 25.50 -21.09
N ARG C 89 8.49 25.68 -21.69
CA ARG C 89 8.97 27.01 -22.15
C ARG C 89 8.11 27.66 -23.21
N CYS C 90 7.61 26.89 -24.18
CA CYS C 90 6.60 27.41 -25.13
C CYS C 90 5.35 27.88 -24.41
N VAL C 91 4.85 27.08 -23.48
CA VAL C 91 3.74 27.49 -22.63
C VAL C 91 4.06 28.82 -21.91
N ALA C 92 5.22 28.87 -21.25
CA ALA C 92 5.68 30.09 -20.58
C ALA C 92 5.56 31.32 -21.48
N VAL C 93 5.98 31.20 -22.74
CA VAL C 93 5.96 32.33 -23.69
C VAL C 93 4.54 32.80 -24.02
N VAL C 94 3.63 31.85 -24.19
CA VAL C 94 2.22 32.18 -24.47
C VAL C 94 1.62 32.91 -23.25
N VAL C 95 2.00 32.48 -22.06
CA VAL C 95 1.57 33.14 -20.82
C VAL C 95 2.13 34.56 -20.70
N MET C 96 3.45 34.73 -20.92
CA MET C 96 4.11 36.05 -20.96
C MET C 96 3.41 36.98 -21.93
N VAL C 97 3.24 36.51 -23.16
CA VAL C 97 2.68 37.34 -24.24
C VAL C 97 1.22 37.71 -23.98
N ALA C 98 0.47 36.79 -23.37
CA ALA C 98 -0.93 37.04 -23.00
C ALA C 98 -0.98 38.12 -21.90
N GLY C 99 -0.12 37.99 -20.89
CA GLY C 99 0.01 39.01 -19.85
C GLY C 99 0.47 40.34 -20.41
N ILE C 100 1.55 40.31 -21.19
CA ILE C 100 2.06 41.55 -21.81
C ILE C 100 1.03 42.22 -22.72
N THR C 101 0.40 41.44 -23.59
CA THR C 101 -0.63 41.92 -24.51
C THR C 101 -1.80 42.57 -23.79
N SER C 102 -2.29 41.92 -22.74
N SER C 102 -2.23 41.96 -22.68
CA SER C 102 -3.46 42.42 -22.00
CA SER C 102 -3.27 42.53 -21.82
C SER C 102 -3.15 43.67 -21.19
C SER C 102 -2.80 43.84 -21.18
N PHE C 103 -1.91 43.82 -20.75
N PHE C 103 -1.57 43.85 -20.66
CA PHE C 103 -1.50 45.05 -20.08
CA PHE C 103 -1.03 45.05 -20.00
C PHE C 103 -1.42 46.21 -21.07
C PHE C 103 -0.74 46.21 -20.96
N GLY C 104 -0.88 45.95 -22.26
CA GLY C 104 -0.79 46.98 -23.30
C GLY C 104 -2.17 47.43 -23.74
N LEU C 105 -3.10 46.48 -23.86
N LEU C 105 -3.10 46.47 -23.79
CA LEU C 105 -4.49 46.80 -24.25
CA LEU C 105 -4.48 46.72 -24.22
C LEU C 105 -5.26 47.52 -23.15
C LEU C 105 -5.30 47.44 -23.16
N VAL C 106 -4.92 47.27 -21.89
CA VAL C 106 -5.59 47.96 -20.76
C VAL C 106 -5.08 49.40 -20.69
N THR C 107 -3.76 49.55 -20.64
CA THR C 107 -3.08 50.85 -20.75
C THR C 107 -3.53 51.70 -21.94
N ALA C 108 -3.65 51.09 -23.12
CA ALA C 108 -4.09 51.83 -24.30
C ALA C 108 -5.56 52.24 -24.20
N ALA C 109 -6.37 51.39 -23.55
CA ALA C 109 -7.80 51.67 -23.28
C ALA C 109 -7.98 52.80 -22.26
N LEU C 110 -7.16 52.77 -21.22
CA LEU C 110 -7.11 53.84 -20.22
C LEU C 110 -6.66 55.18 -20.81
N ALA C 111 -5.76 55.13 -21.80
CA ALA C 111 -5.31 56.33 -22.49
C ALA C 111 -6.42 56.88 -23.38
N THR C 112 -7.12 56.00 -24.08
CA THR C 112 -8.24 56.40 -24.95
C THR C 112 -9.38 57.03 -24.18
N TRP C 113 -9.63 56.49 -22.99
CA TRP C 113 -10.67 56.97 -22.09
C TRP C 113 -10.34 58.38 -21.62
N PHE C 114 -9.14 58.54 -21.05
CA PHE C 114 -8.66 59.82 -20.55
C PHE C 114 -8.56 60.90 -21.61
N VAL C 115 -8.11 60.53 -22.81
CA VAL C 115 -7.93 61.48 -23.92
C VAL C 115 -9.27 61.99 -24.43
N GLY C 116 -10.24 61.10 -24.55
CA GLY C 116 -11.59 61.48 -24.99
C GLY C 116 -12.39 62.24 -23.93
N ARG C 117 -12.00 62.06 -22.67
CA ARG C 117 -12.62 62.75 -21.55
C ARG C 117 -11.99 64.12 -21.31
N GLU C 118 -10.68 64.22 -21.51
CA GLU C 118 -9.97 65.50 -21.46
C GLU C 118 -10.40 66.39 -22.61
N GLN C 119 -10.63 65.80 -23.79
CA GLN C 119 -11.02 66.63 -24.92
C GLN C 119 -12.50 67.04 -24.87
N GLU C 120 -13.30 66.33 -24.09
CA GLU C 120 -14.66 66.82 -23.80
C GLU C 120 -14.67 67.80 -22.63
N ARG C 121 -13.63 67.73 -21.80
CA ARG C 121 -13.43 68.67 -20.69
C ARG C 121 -12.89 70.02 -21.21
N ARG C 122 -12.61 70.07 -22.51
CA ARG C 122 -12.16 71.30 -23.17
C ARG C 122 -13.22 71.79 -24.16
N GLY C 123 -14.34 71.09 -24.22
CA GLY C 123 -15.43 71.40 -25.15
C GLY C 123 -15.22 70.82 -26.53
N HIS C 124 -13.96 70.64 -26.90
CA HIS C 124 -13.54 70.08 -28.18
C HIS C 124 -14.33 68.83 -28.57
#